data_3AXH
#
_entry.id   3AXH
#
_cell.length_a   94.892
_cell.length_b   114.736
_cell.length_c   61.496
_cell.angle_alpha   90.00
_cell.angle_beta   90.99
_cell.angle_gamma   90.00
#
_symmetry.space_group_name_H-M   'C 1 2 1'
#
loop_
_entity.id
_entity.type
_entity.pdbx_description
1 polymer 'Oligo-1,6-glucosidase IMA1'
2 branched alpha-D-glucopyranose-(1-6)-alpha-D-glucopyranose
3 non-polymer 'CALCIUM ION'
4 water water
#
_entity_poly.entity_id   1
_entity_poly.type   'polypeptide(L)'
_entity_poly.pdbx_seq_one_letter_code
;MTISSAHPETEPKWWKEATFYQIYPASFKDSNDDGWGDMKGIASKLEYIKELGADAIWISPFYDSPQDDMGYDIANYEKV
WPTYGTNEDCFALIEKTHKLGMKFITDLVINHCSSEHEWFKESRSSKTNPKRDWFFWRPPKGYDAEGKPIPPNNWKSYFG
GSAWTFDEKTQEFYLRLFCSTQPDLNWENEDCRKAIYESAVGYWLDHGVDGFRIDVGSLYSKVVGLPDAPVVDKNSTWQS
SDPYTLNGPRIHEFHQEMNQFIRNRVKDGREIMTVGAMQHASDETKRLYTSASRHELSELFNFSHTDVGTSPLFRYNLVP
FELKDWKIALAELFRYINGTDCWSTIYLENHDQPRSITRFGDDSPKNRVISGKLLSVLLSALTGTLYVYQGQELGQINFK
NWPVEKYEDVEIRNNYNAIKEEHGENSEEMKKFLEAIALISRDHARTPMQWSREEPNAGFSGPSAKPWFYLNDSFREGIN
VEDEIKDPNSVLNFWKEALKFRKAHKDITVYGYDFEFIDLDNKKLFSFTKKYNNKTLFAALNFSSDATDFKIPNDDSSFK
LEFGNYPKKEVDASSRTLKPWEGRIYISE
;
_entity_poly.pdbx_strand_id   A
#
# COMPACT_ATOMS: atom_id res chain seq x y z
N SER A 4 21.76 8.96 -20.73
CA SER A 4 21.45 8.12 -19.53
C SER A 4 22.69 7.89 -18.64
N SER A 5 23.85 8.33 -19.13
CA SER A 5 25.10 8.30 -18.35
C SER A 5 25.07 9.21 -17.11
N ALA A 6 24.30 10.30 -17.20
CA ALA A 6 24.11 11.30 -16.13
C ALA A 6 22.90 10.92 -15.25
N HIS A 7 22.44 9.68 -15.43
CA HIS A 7 21.22 9.18 -14.79
C HIS A 7 21.47 7.77 -14.27
N PRO A 8 22.18 7.67 -13.14
CA PRO A 8 22.52 6.35 -12.58
C PRO A 8 21.27 5.52 -12.28
N GLU A 9 20.15 6.22 -12.08
CA GLU A 9 18.87 5.55 -11.79
C GLU A 9 18.41 4.61 -12.93
N THR A 10 18.91 4.82 -14.15
CA THR A 10 18.58 3.98 -15.29
C THR A 10 19.28 2.60 -15.27
N GLU A 11 20.20 2.37 -14.34
CA GLU A 11 20.85 1.05 -14.26
C GLU A 11 19.77 -0.01 -13.97
N PRO A 12 19.60 -0.99 -14.88
CA PRO A 12 18.51 -1.96 -14.73
C PRO A 12 18.71 -2.93 -13.56
N LYS A 13 17.60 -3.25 -12.88
CA LYS A 13 17.58 -4.28 -11.84
C LYS A 13 16.25 -4.99 -11.96
N TRP A 14 16.22 -6.28 -11.59
CA TRP A 14 14.99 -7.05 -11.75
C TRP A 14 13.82 -6.35 -11.08
N TRP A 15 14.08 -5.80 -9.90
CA TRP A 15 13.02 -5.24 -9.05
C TRP A 15 12.57 -3.84 -9.47
N LYS A 16 13.39 -3.16 -10.27
CA LYS A 16 13.04 -1.87 -10.89
C LYS A 16 11.94 -2.03 -11.94
N GLU A 17 12.09 -3.05 -12.81
CA GLU A 17 11.20 -3.23 -13.95
C GLU A 17 10.14 -4.32 -13.75
N ALA A 18 10.16 -4.98 -12.60
CA ALA A 18 9.12 -5.96 -12.28
C ALA A 18 7.81 -5.23 -12.00
N THR A 19 6.72 -5.77 -12.52
CA THR A 19 5.39 -5.32 -12.11
C THR A 19 4.97 -6.24 -10.97
N PHE A 20 4.71 -5.64 -9.81
CA PHE A 20 4.27 -6.41 -8.66
C PHE A 20 2.74 -6.49 -8.60
N TYR A 21 2.23 -7.63 -8.19
CA TYR A 21 0.81 -7.78 -7.91
C TYR A 21 0.70 -8.07 -6.42
N GLN A 22 -0.09 -7.24 -5.74
CA GLN A 22 -0.32 -7.42 -4.31
C GLN A 22 -1.58 -8.23 -4.00
N ILE A 23 -1.39 -9.27 -3.18
CA ILE A 23 -2.44 -10.20 -2.76
C ILE A 23 -2.75 -9.97 -1.30
N TYR A 24 -4.04 -9.88 -0.99
CA TYR A 24 -4.50 -9.78 0.39
C TYR A 24 -5.08 -11.17 0.70
N PRO A 25 -4.33 -11.97 1.48
CA PRO A 25 -4.61 -13.41 1.52
C PRO A 25 -5.99 -13.77 2.05
N ALA A 26 -6.52 -13.00 3.01
CA ALA A 26 -7.90 -13.27 3.49
C ALA A 26 -8.95 -13.19 2.38
N SER A 27 -8.70 -12.37 1.37
CA SER A 27 -9.72 -12.03 0.37
C SER A 27 -9.41 -12.46 -1.05
N PHE A 28 -8.32 -13.21 -1.27
CA PHE A 28 -7.98 -13.51 -2.66
C PHE A 28 -8.70 -14.75 -3.20
N LYS A 29 -8.46 -15.92 -2.61
CA LYS A 29 -9.13 -17.14 -3.08
C LYS A 29 -9.21 -18.17 -1.97
N ASP A 30 -10.43 -18.60 -1.68
CA ASP A 30 -10.71 -19.61 -0.68
C ASP A 30 -10.74 -20.97 -1.37
N SER A 31 -9.96 -21.92 -0.88
CA SER A 31 -9.91 -23.25 -1.50
C SER A 31 -10.70 -24.34 -0.76
N ASN A 32 -11.21 -24.02 0.44
CA ASN A 32 -11.87 -25.03 1.29
C ASN A 32 -13.19 -24.60 1.91
N ASP A 33 -13.81 -23.58 1.30
CA ASP A 33 -15.17 -23.16 1.66
C ASP A 33 -15.37 -22.75 3.12
N ASP A 34 -14.32 -22.29 3.79
CA ASP A 34 -14.51 -21.73 5.14
C ASP A 34 -14.71 -20.20 5.14
N GLY A 35 -14.72 -19.62 3.94
CA GLY A 35 -14.93 -18.19 3.79
C GLY A 35 -13.68 -17.32 3.90
N TRP A 36 -12.54 -17.94 4.21
CA TRP A 36 -11.26 -17.20 4.29
C TRP A 36 -10.38 -17.62 3.14
N GLY A 37 -9.75 -16.67 2.46
CA GLY A 37 -8.78 -17.01 1.45
C GLY A 37 -7.65 -17.78 2.10
N ASP A 38 -6.85 -18.49 1.30
CA ASP A 38 -5.78 -19.30 1.86
C ASP A 38 -4.70 -19.56 0.81
N MET A 39 -3.64 -20.25 1.22
CA MET A 39 -2.48 -20.41 0.36
C MET A 39 -2.70 -21.29 -0.86
N LYS A 40 -3.42 -22.40 -0.68
CA LYS A 40 -3.76 -23.23 -1.84
C LYS A 40 -4.64 -22.45 -2.82
N GLY A 41 -5.51 -21.59 -2.30
CA GLY A 41 -6.29 -20.68 -3.11
C GLY A 41 -5.40 -19.78 -3.97
N ILE A 42 -4.43 -19.11 -3.33
CA ILE A 42 -3.47 -18.29 -4.10
C ILE A 42 -2.73 -19.16 -5.14
N ALA A 43 -2.18 -20.29 -4.72
CA ALA A 43 -1.46 -21.20 -5.64
C ALA A 43 -2.29 -21.50 -6.88
N SER A 44 -3.59 -21.77 -6.70
CA SER A 44 -4.50 -22.11 -7.82
C SER A 44 -4.72 -20.97 -8.81
N LYS A 45 -4.33 -19.75 -8.43
CA LYS A 45 -4.54 -18.56 -9.26
C LYS A 45 -3.23 -17.89 -9.71
N LEU A 46 -2.09 -18.51 -9.45
CA LEU A 46 -0.83 -17.92 -9.86
C LEU A 46 -0.73 -17.76 -11.39
N GLU A 47 -1.32 -18.68 -12.12
CA GLU A 47 -1.27 -18.62 -13.57
C GLU A 47 -2.03 -17.38 -14.06
N TYR A 48 -3.12 -17.05 -13.38
CA TYR A 48 -3.91 -15.85 -13.68
C TYR A 48 -3.03 -14.62 -13.50
N ILE A 49 -2.26 -14.60 -12.40
CA ILE A 49 -1.41 -13.44 -12.10
C ILE A 49 -0.31 -13.30 -13.16
N LYS A 50 0.28 -14.43 -13.53
CA LYS A 50 1.32 -14.44 -14.58
C LYS A 50 0.73 -13.97 -15.92
N GLU A 51 -0.45 -14.45 -16.27
CA GLU A 51 -1.10 -14.07 -17.53
C GLU A 51 -1.49 -12.58 -17.59
N LEU A 52 -1.77 -12.00 -16.42
CA LEU A 52 -2.01 -10.56 -16.34
C LEU A 52 -0.79 -9.76 -16.82
N GLY A 53 0.41 -10.30 -16.56
CA GLY A 53 1.65 -9.63 -16.90
C GLY A 53 2.47 -9.29 -15.67
N ALA A 54 2.09 -9.80 -14.51
CA ALA A 54 2.91 -9.58 -13.31
C ALA A 54 4.24 -10.35 -13.35
N ASP A 55 5.25 -9.73 -12.78
CA ASP A 55 6.61 -10.33 -12.70
C ASP A 55 6.93 -10.78 -11.27
N ALA A 56 6.10 -10.36 -10.30
CA ALA A 56 6.40 -10.65 -8.91
C ALA A 56 5.12 -10.47 -8.10
N ILE A 57 5.06 -11.11 -6.94
CA ILE A 57 3.92 -10.95 -6.04
C ILE A 57 4.40 -10.51 -4.67
N TRP A 58 3.54 -9.74 -4.02
CA TRP A 58 3.73 -9.37 -2.62
C TRP A 58 2.48 -9.86 -1.93
N ILE A 59 2.62 -10.75 -0.97
CA ILE A 59 1.45 -11.22 -0.20
C ILE A 59 1.48 -10.49 1.14
N SER A 60 0.35 -9.86 1.49
CA SER A 60 0.15 -9.26 2.83
C SER A 60 0.27 -10.35 3.91
N PRO A 61 0.46 -9.96 5.19
CA PRO A 61 0.84 -10.93 6.23
C PRO A 61 -0.03 -12.19 6.30
N PHE A 62 0.62 -13.34 6.28
CA PHE A 62 -0.03 -14.65 6.37
C PHE A 62 0.47 -15.44 7.59
N TYR A 63 1.18 -14.76 8.49
CA TYR A 63 1.77 -15.39 9.67
C TYR A 63 0.73 -15.53 10.77
N ASP A 64 0.99 -16.46 11.68
CA ASP A 64 0.09 -16.70 12.81
C ASP A 64 -0.25 -15.37 13.48
N SER A 65 -1.55 -15.08 13.60
CA SER A 65 -2.06 -13.77 14.00
C SER A 65 -3.47 -13.92 14.49
N PRO A 66 -3.82 -13.28 15.63
CA PRO A 66 -5.22 -13.21 16.06
C PRO A 66 -6.17 -12.48 15.11
N GLN A 67 -5.62 -11.75 14.15
CA GLN A 67 -6.40 -10.97 13.15
C GLN A 67 -7.07 -9.72 13.72
N ASP A 68 -6.61 -9.24 14.88
CA ASP A 68 -7.12 -7.98 15.40
C ASP A 68 -6.84 -6.84 14.42
N ASP A 69 -5.73 -6.94 13.69
CA ASP A 69 -5.50 -6.03 12.56
C ASP A 69 -5.22 -6.84 11.28
N MET A 70 -6.00 -7.91 11.11
CA MET A 70 -6.01 -8.67 9.87
C MET A 70 -4.60 -9.04 9.40
N GLY A 71 -3.80 -9.55 10.32
CA GLY A 71 -2.49 -10.10 9.98
C GLY A 71 -1.33 -9.19 10.34
N TYR A 72 -1.58 -7.88 10.49
CA TYR A 72 -0.52 -6.94 10.86
C TYR A 72 -0.22 -6.99 12.38
N ASP A 73 -0.93 -7.87 13.08
CA ASP A 73 -0.66 -8.18 14.48
C ASP A 73 -0.13 -9.63 14.57
N ILE A 74 1.19 -9.78 14.55
CA ILE A 74 1.81 -11.12 14.36
C ILE A 74 2.21 -11.82 15.67
N ALA A 75 1.67 -13.02 15.88
CA ALA A 75 1.97 -13.80 17.10
C ALA A 75 3.17 -14.75 16.92
N ASN A 76 3.56 -14.98 15.66
CA ASN A 76 4.69 -15.85 15.38
C ASN A 76 5.19 -15.59 13.96
N TYR A 77 6.37 -14.98 13.83
CA TYR A 77 6.94 -14.72 12.50
C TYR A 77 7.31 -15.98 11.72
N GLU A 78 7.47 -17.10 12.43
CA GLU A 78 8.01 -18.34 11.82
C GLU A 78 6.96 -19.41 11.58
N LYS A 79 5.69 -19.04 11.71
CA LYS A 79 4.59 -19.98 11.51
C LYS A 79 3.49 -19.32 10.71
N VAL A 80 3.05 -19.98 9.66
CA VAL A 80 1.90 -19.54 8.88
C VAL A 80 0.64 -19.68 9.73
N TRP A 81 -0.28 -18.73 9.58
CA TRP A 81 -1.56 -18.85 10.27
C TRP A 81 -2.29 -20.11 9.79
N PRO A 82 -2.61 -21.02 10.74
CA PRO A 82 -3.20 -22.31 10.32
C PRO A 82 -4.36 -22.20 9.34
N THR A 83 -5.23 -21.22 9.48
CA THR A 83 -6.34 -21.01 8.53
C THR A 83 -5.86 -20.77 7.08
N TYR A 84 -4.70 -20.16 6.93
CA TYR A 84 -4.07 -19.99 5.63
C TYR A 84 -3.37 -21.23 5.09
N GLY A 85 -2.86 -22.05 5.99
CA GLY A 85 -2.16 -23.27 5.61
C GLY A 85 -1.03 -23.59 6.56
N THR A 86 -0.14 -24.48 6.12
CA THR A 86 1.03 -24.84 6.89
C THR A 86 2.23 -24.09 6.33
N ASN A 87 3.35 -24.16 7.06
CA ASN A 87 4.62 -23.63 6.55
C ASN A 87 4.98 -24.29 5.21
N GLU A 88 4.74 -25.61 5.12
CA GLU A 88 4.99 -26.29 3.84
C GLU A 88 4.13 -25.79 2.68
N ASP A 89 2.88 -25.45 2.96
CA ASP A 89 2.01 -24.84 1.94
C ASP A 89 2.63 -23.54 1.42
N CYS A 90 3.20 -22.76 2.34
CA CYS A 90 3.84 -21.50 1.96
C CYS A 90 5.09 -21.76 1.13
N PHE A 91 5.91 -22.69 1.57
CA PHE A 91 7.12 -22.99 0.81
C PHE A 91 6.79 -23.51 -0.59
N ALA A 92 5.75 -24.34 -0.70
CA ALA A 92 5.30 -24.83 -2.00
C ALA A 92 4.80 -23.67 -2.85
N LEU A 93 4.15 -22.71 -2.22
CA LEU A 93 3.67 -21.50 -2.91
C LEU A 93 4.82 -20.64 -3.44
N ILE A 94 5.84 -20.45 -2.63
CA ILE A 94 7.04 -19.71 -3.07
C ILE A 94 7.68 -20.44 -4.27
N GLU A 95 7.79 -21.77 -4.15
CA GLU A 95 8.37 -22.57 -5.25
C GLU A 95 7.55 -22.47 -6.53
N LYS A 96 6.23 -22.60 -6.42
CA LYS A 96 5.37 -22.50 -7.60
C LYS A 96 5.47 -21.13 -8.27
N THR A 97 5.53 -20.07 -7.45
CA THR A 97 5.71 -18.70 -7.92
C THR A 97 7.02 -18.62 -8.73
N HIS A 98 8.08 -19.14 -8.12
CA HIS A 98 9.39 -19.18 -8.75
C HIS A 98 9.40 -20.00 -10.06
N LYS A 99 8.74 -21.16 -10.07
CA LYS A 99 8.75 -22.01 -11.27
C LYS A 99 7.93 -21.43 -12.40
N LEU A 100 7.04 -20.50 -12.07
CA LEU A 100 6.35 -19.69 -13.08
C LEU A 100 7.15 -18.49 -13.58
N GLY A 101 8.36 -18.30 -13.06
CA GLY A 101 9.23 -17.21 -13.48
C GLY A 101 8.96 -15.89 -12.77
N MET A 102 8.24 -15.97 -11.64
CA MET A 102 7.92 -14.77 -10.84
C MET A 102 8.73 -14.69 -9.52
N LYS A 103 8.90 -13.47 -9.01
CA LYS A 103 9.59 -13.25 -7.74
C LYS A 103 8.52 -13.19 -6.62
N PHE A 104 8.96 -13.35 -5.37
CA PHE A 104 8.03 -13.46 -4.23
C PHE A 104 8.53 -12.56 -3.12
N ILE A 105 7.72 -11.57 -2.71
CA ILE A 105 8.10 -10.82 -1.54
C ILE A 105 7.05 -10.97 -0.44
N THR A 106 7.51 -10.89 0.79
CA THR A 106 6.64 -11.09 1.97
C THR A 106 6.61 -9.80 2.79
N ASP A 107 5.62 -9.68 3.67
CA ASP A 107 5.37 -8.43 4.39
C ASP A 107 6.12 -8.51 5.71
N LEU A 108 7.00 -7.54 5.95
CA LEU A 108 7.88 -7.54 7.12
C LEU A 108 7.35 -6.53 8.12
N VAL A 109 6.77 -7.04 9.21
CA VAL A 109 5.97 -6.24 10.13
C VAL A 109 6.63 -6.29 11.50
N ILE A 110 7.57 -5.37 11.73
CA ILE A 110 8.49 -5.46 12.88
C ILE A 110 8.62 -4.15 13.65
N ASN A 111 7.72 -3.20 13.38
CA ASN A 111 7.55 -2.05 14.30
C ASN A 111 6.87 -2.53 15.58
N HIS A 112 6.11 -3.61 15.44
CA HIS A 112 5.25 -4.11 16.51
C HIS A 112 4.94 -5.59 16.24
N CYS A 113 4.51 -6.30 17.28
CA CYS A 113 4.03 -7.68 17.12
C CYS A 113 2.72 -7.80 17.90
N SER A 114 2.06 -8.95 17.81
CA SER A 114 0.84 -9.19 18.60
C SER A 114 1.20 -9.29 20.06
N SER A 115 0.28 -8.87 20.93
CA SER A 115 0.44 -9.12 22.36
C SER A 115 0.34 -10.63 22.67
N GLU A 116 -0.07 -11.43 21.69
CA GLU A 116 -0.01 -12.91 21.82
C GLU A 116 1.32 -13.52 21.46
N HIS A 117 2.25 -12.74 20.92
CA HIS A 117 3.56 -13.24 20.63
C HIS A 117 4.20 -13.66 21.96
N GLU A 118 4.91 -14.78 21.95
CA GLU A 118 5.67 -15.24 23.14
C GLU A 118 6.60 -14.16 23.72
N TRP A 119 7.19 -13.31 22.88
CA TRP A 119 8.05 -12.25 23.41
C TRP A 119 7.28 -11.33 24.35
N PHE A 120 6.05 -11.01 23.96
CA PHE A 120 5.24 -10.07 24.75
C PHE A 120 4.63 -10.76 25.95
N LYS A 121 4.20 -12.00 25.76
CA LYS A 121 3.73 -12.80 26.90
C LYS A 121 4.80 -12.84 28.00
N GLU A 122 6.06 -13.02 27.63
CA GLU A 122 7.14 -12.94 28.62
C GLU A 122 7.34 -11.52 29.15
N SER A 123 7.44 -10.54 28.24
CA SER A 123 7.63 -9.14 28.65
C SER A 123 6.61 -8.67 29.67
N ARG A 124 5.35 -9.02 29.44
CA ARG A 124 4.26 -8.51 30.28
C ARG A 124 4.13 -9.24 31.62
N SER A 125 4.84 -10.36 31.77
CA SER A 125 4.66 -11.26 32.94
C SER A 125 5.12 -10.65 34.28
N SER A 126 6.04 -9.69 34.22
CA SER A 126 6.66 -9.12 35.42
C SER A 126 7.44 -7.88 35.02
N LYS A 127 7.94 -7.12 36.00
CA LYS A 127 8.76 -5.96 35.66
C LYS A 127 10.23 -6.33 35.54
N THR A 128 10.56 -7.59 35.81
CA THR A 128 11.96 -8.01 35.97
C THR A 128 12.46 -9.05 34.96
N ASN A 129 11.59 -9.57 34.11
CA ASN A 129 11.98 -10.64 33.18
C ASN A 129 12.91 -10.07 32.09
N PRO A 130 13.75 -10.92 31.47
CA PRO A 130 14.75 -10.41 30.51
C PRO A 130 14.17 -9.76 29.24
N LYS A 131 12.88 -9.94 28.97
CA LYS A 131 12.27 -9.27 27.83
C LYS A 131 11.43 -8.05 28.20
N ARG A 132 11.53 -7.58 29.45
CA ARG A 132 10.74 -6.41 29.85
C ARG A 132 10.99 -5.20 28.93
N ASP A 133 12.26 -4.97 28.61
CA ASP A 133 12.65 -3.81 27.82
C ASP A 133 12.61 -4.07 26.30
N TRP A 134 11.94 -5.14 25.88
CA TRP A 134 11.75 -5.40 24.43
C TRP A 134 10.53 -4.63 23.93
N PHE A 135 9.82 -3.99 24.86
CA PHE A 135 8.66 -3.15 24.56
C PHE A 135 8.77 -1.84 25.35
N PHE A 136 7.80 -0.95 25.17
CA PHE A 136 7.82 0.34 25.87
C PHE A 136 6.83 0.29 27.02
N TRP A 137 7.34 0.14 28.24
CA TRP A 137 6.50 0.09 29.43
C TRP A 137 6.74 1.36 30.23
N ARG A 138 5.66 2.01 30.65
CA ARG A 138 5.81 3.20 31.48
C ARG A 138 4.71 3.20 32.52
N PRO A 139 5.01 3.75 33.72
CA PRO A 139 3.95 3.90 34.72
C PRO A 139 2.91 4.94 34.31
N PRO A 140 1.72 4.91 34.92
CA PRO A 140 0.76 5.97 34.60
C PRO A 140 1.36 7.34 34.95
N LYS A 141 0.94 8.38 34.23
CA LYS A 141 1.32 9.78 34.50
C LYS A 141 0.84 10.15 35.90
N GLY A 142 -0.34 9.63 36.23
CA GLY A 142 -0.97 9.73 37.56
C GLY A 142 -2.34 9.08 37.37
N TYR A 143 -3.29 9.41 38.23
CA TYR A 143 -4.68 8.92 38.10
C TYR A 143 -5.61 10.11 38.02
N ASP A 144 -6.71 9.96 37.27
CA ASP A 144 -7.65 11.07 37.11
C ASP A 144 -8.68 11.09 38.23
N ALA A 145 -9.59 12.07 38.18
CA ALA A 145 -10.59 12.31 39.25
C ALA A 145 -11.55 11.13 39.44
N GLU A 146 -11.69 10.32 38.40
CA GLU A 146 -12.52 9.12 38.44
C GLU A 146 -11.75 7.88 38.89
N GLY A 147 -10.42 7.99 38.97
CA GLY A 147 -9.58 6.90 39.47
C GLY A 147 -8.93 6.07 38.37
N LYS A 148 -9.08 6.51 37.14
CA LYS A 148 -8.51 5.79 36.00
C LYS A 148 -7.06 6.22 35.79
N PRO A 149 -6.17 5.25 35.47
CA PRO A 149 -4.78 5.67 35.26
C PRO A 149 -4.68 6.56 34.02
N ILE A 150 -3.80 7.55 34.09
CA ILE A 150 -3.58 8.50 32.99
C ILE A 150 -2.38 8.01 32.15
N PRO A 151 -2.54 7.91 30.81
CA PRO A 151 -1.41 7.35 30.03
C PRO A 151 -0.17 8.24 30.09
N PRO A 152 1.00 7.66 29.82
CA PRO A 152 2.29 8.35 29.98
C PRO A 152 2.40 9.63 29.17
N ASN A 153 1.73 9.69 28.02
CA ASN A 153 1.69 10.91 27.23
C ASN A 153 0.37 11.00 26.45
N ASN A 154 0.24 12.05 25.64
CA ASN A 154 -0.99 12.35 24.93
C ASN A 154 -1.10 11.76 23.52
N TRP A 155 -0.22 10.82 23.18
CA TRP A 155 -0.15 10.32 21.80
C TRP A 155 -1.42 9.58 21.38
N LYS A 156 -1.80 9.80 20.13
CA LYS A 156 -2.95 9.16 19.50
C LYS A 156 -2.53 7.89 18.76
N SER A 157 -3.35 6.85 18.86
CA SER A 157 -3.18 5.66 18.03
C SER A 157 -3.57 6.01 16.60
N TYR A 158 -2.91 5.36 15.64
CA TYR A 158 -3.32 5.48 14.25
C TYR A 158 -4.80 5.14 14.04
N PHE A 159 -5.38 4.33 14.90
CA PHE A 159 -6.77 3.90 14.74
C PHE A 159 -7.73 4.66 15.65
N GLY A 160 -7.20 5.67 16.36
CA GLY A 160 -8.03 6.52 17.21
C GLY A 160 -7.86 6.23 18.68
N GLY A 161 -8.08 7.25 19.51
CA GLY A 161 -7.89 7.11 20.93
C GLY A 161 -6.44 7.06 21.34
N SER A 162 -6.20 6.77 22.62
CA SER A 162 -4.82 6.73 23.17
C SER A 162 -3.92 5.66 22.52
N ALA A 163 -2.63 5.97 22.38
CA ALA A 163 -1.65 5.00 21.90
C ALA A 163 -1.01 4.15 23.02
N TRP A 164 -1.69 4.03 24.17
CA TRP A 164 -1.22 3.20 25.29
C TRP A 164 -2.33 2.29 25.83
N THR A 165 -1.94 1.13 26.33
CA THR A 165 -2.84 0.18 26.96
C THR A 165 -2.31 -0.17 28.33
N PHE A 166 -3.21 -0.10 29.32
CA PHE A 166 -2.86 -0.40 30.70
C PHE A 166 -2.85 -1.91 30.96
N ASP A 167 -1.76 -2.38 31.56
CA ASP A 167 -1.62 -3.76 31.98
C ASP A 167 -1.87 -3.86 33.48
N GLU A 168 -2.92 -4.57 33.87
CA GLU A 168 -3.30 -4.69 35.28
C GLU A 168 -2.26 -5.45 36.10
N LYS A 169 -1.66 -6.49 35.52
CA LYS A 169 -0.71 -7.32 36.27
C LYS A 169 0.48 -6.51 36.80
N THR A 170 1.11 -5.70 35.94
CA THR A 170 2.35 -4.99 36.32
C THR A 170 2.13 -3.51 36.60
N GLN A 171 0.88 -3.07 36.46
CA GLN A 171 0.48 -1.70 36.79
C GLN A 171 1.17 -0.63 35.94
N GLU A 172 1.46 -0.95 34.67
CA GLU A 172 2.10 0.00 33.78
C GLU A 172 1.41 -0.05 32.44
N PHE A 173 1.56 1.03 31.66
CA PHE A 173 1.08 1.09 30.28
C PHE A 173 2.15 0.56 29.34
N TYR A 174 1.72 -0.04 28.23
CA TYR A 174 2.62 -0.33 27.12
C TYR A 174 2.21 0.44 25.88
N LEU A 175 3.20 0.83 25.08
CA LEU A 175 2.94 1.59 23.86
C LEU A 175 2.41 0.68 22.75
N ARG A 176 1.37 1.17 22.08
CA ARG A 176 0.86 0.56 20.86
C ARG A 176 0.32 1.66 19.95
N LEU A 177 1.14 2.06 18.97
CA LEU A 177 0.71 3.06 18.02
C LEU A 177 -0.50 2.60 17.21
N PHE A 178 -0.64 1.29 17.09
CA PHE A 178 -1.76 0.72 16.34
C PHE A 178 -2.86 0.25 17.28
N CYS A 179 -3.41 -0.95 17.11
CA CYS A 179 -4.52 -1.37 17.98
C CYS A 179 -3.97 -1.84 19.35
N SER A 180 -4.86 -2.00 20.34
CA SER A 180 -4.40 -2.34 21.70
C SER A 180 -3.54 -3.63 21.81
N THR A 181 -3.67 -4.55 20.85
CA THR A 181 -2.93 -5.80 20.88
C THR A 181 -1.76 -5.82 19.87
N GLN A 182 -1.27 -4.63 19.51
CA GLN A 182 -0.05 -4.48 18.70
C GLN A 182 1.04 -3.67 19.42
N PRO A 183 1.59 -4.22 20.53
CA PRO A 183 2.62 -3.47 21.24
C PRO A 183 3.84 -3.17 20.36
N ASP A 184 4.27 -1.90 20.37
CA ASP A 184 5.50 -1.51 19.66
C ASP A 184 6.74 -2.20 20.23
N LEU A 185 7.58 -2.72 19.34
CA LEU A 185 8.87 -3.32 19.73
C LEU A 185 9.90 -2.23 20.01
N ASN A 186 10.73 -2.45 21.03
CA ASN A 186 11.74 -1.43 21.42
C ASN A 186 13.07 -1.69 20.72
N TRP A 187 13.25 -1.01 19.58
CA TRP A 187 14.46 -1.14 18.78
C TRP A 187 15.72 -0.56 19.48
N GLU A 188 15.53 0.13 20.60
CA GLU A 188 16.69 0.60 21.40
C GLU A 188 17.35 -0.59 22.10
N ASN A 189 16.62 -1.68 22.25
CA ASN A 189 17.17 -2.89 22.84
C ASN A 189 17.85 -3.70 21.74
N GLU A 190 19.18 -3.81 21.82
CA GLU A 190 19.93 -4.55 20.81
C GLU A 190 19.58 -6.03 20.70
N ASP A 191 19.31 -6.69 21.82
CA ASP A 191 18.93 -8.12 21.79
C ASP A 191 17.59 -8.27 21.09
N CYS A 192 16.69 -7.32 21.30
CA CYS A 192 15.40 -7.31 20.61
C CYS A 192 15.62 -7.20 19.08
N ARG A 193 16.42 -6.22 18.64
CA ARG A 193 16.69 -6.07 17.20
C ARG A 193 17.23 -7.38 16.60
N LYS A 194 18.22 -7.98 17.27
CA LYS A 194 18.80 -9.22 16.77
C LYS A 194 17.80 -10.36 16.67
N ALA A 195 16.90 -10.49 17.65
CA ALA A 195 15.85 -11.51 17.61
C ALA A 195 14.85 -11.23 16.51
N ILE A 196 14.57 -9.94 16.28
CA ILE A 196 13.65 -9.52 15.21
C ILE A 196 14.27 -10.00 13.88
N TYR A 197 15.56 -9.69 13.69
CA TYR A 197 16.20 -10.09 12.43
C TYR A 197 16.16 -11.61 12.22
N GLU A 198 16.43 -12.38 13.27
CA GLU A 198 16.54 -13.84 13.12
C GLU A 198 15.18 -14.41 12.74
N SER A 199 14.15 -13.96 13.45
CA SER A 199 12.83 -14.53 13.32
C SER A 199 12.06 -14.03 12.09
N ALA A 200 12.02 -12.71 11.91
CA ALA A 200 11.15 -12.12 10.90
C ALA A 200 11.84 -12.02 9.52
N VAL A 201 13.17 -11.93 9.54
CA VAL A 201 13.94 -11.67 8.33
C VAL A 201 14.70 -12.94 7.91
N GLY A 202 15.57 -13.43 8.79
CA GLY A 202 16.42 -14.58 8.47
C GLY A 202 15.65 -15.84 8.12
N TYR A 203 14.59 -16.12 8.86
CA TYR A 203 13.79 -17.30 8.57
C TYR A 203 13.28 -17.29 7.12
N TRP A 204 12.81 -16.14 6.68
CA TRP A 204 12.19 -16.01 5.37
C TRP A 204 13.22 -15.96 4.25
N LEU A 205 14.38 -15.37 4.53
CA LEU A 205 15.52 -15.48 3.61
C LEU A 205 15.98 -16.94 3.41
N ASP A 206 16.01 -17.68 4.50
CA ASP A 206 16.40 -19.09 4.47
C ASP A 206 15.42 -19.90 3.63
N HIS A 207 14.19 -19.42 3.55
CA HIS A 207 13.15 -20.10 2.76
C HIS A 207 12.85 -19.46 1.40
N GLY A 208 13.78 -18.66 0.92
CA GLY A 208 13.79 -18.29 -0.50
C GLY A 208 13.01 -17.06 -0.97
N VAL A 209 12.51 -16.24 -0.05
CA VAL A 209 11.89 -14.98 -0.50
C VAL A 209 12.90 -14.09 -1.24
N ASP A 210 12.36 -13.28 -2.15
CA ASP A 210 13.16 -12.39 -2.98
C ASP A 210 13.19 -10.98 -2.40
N GLY A 211 12.47 -10.77 -1.31
CA GLY A 211 12.46 -9.45 -0.76
C GLY A 211 11.35 -9.26 0.25
N PHE A 212 11.27 -8.02 0.73
CA PHE A 212 10.32 -7.64 1.80
C PHE A 212 9.64 -6.31 1.46
N ARG A 213 8.34 -6.25 1.77
CA ARG A 213 7.66 -4.99 1.85
C ARG A 213 7.65 -4.64 3.35
N ILE A 214 8.24 -3.50 3.70
CA ILE A 214 8.54 -3.22 5.08
C ILE A 214 7.53 -2.29 5.71
N ASP A 215 6.75 -2.86 6.62
CA ASP A 215 5.59 -2.21 7.18
C ASP A 215 5.98 -1.07 8.13
N VAL A 216 5.37 0.11 7.95
CA VAL A 216 5.73 1.32 8.73
C VAL A 216 7.21 1.38 9.08
N GLY A 217 8.06 1.21 8.06
CA GLY A 217 9.51 1.10 8.30
C GLY A 217 10.11 2.35 8.92
N SER A 218 9.35 3.46 8.86
CA SER A 218 9.85 4.76 9.31
C SER A 218 9.51 5.02 10.78
N LEU A 219 8.89 4.05 11.46
CA LEU A 219 8.47 4.22 12.87
C LEU A 219 9.35 3.58 13.95
N TYR A 220 10.42 2.87 13.57
CA TYR A 220 11.17 2.05 14.53
C TYR A 220 11.93 2.91 15.55
N SER A 221 12.26 4.14 15.19
CA SER A 221 13.09 5.01 16.07
C SER A 221 12.22 6.01 16.80
N LYS A 222 12.07 5.78 18.11
CA LYS A 222 11.33 6.69 18.98
C LYS A 222 12.25 7.74 19.60
N VAL A 223 11.78 8.97 19.62
CA VAL A 223 12.56 10.04 20.28
C VAL A 223 12.58 9.73 21.77
N VAL A 224 13.76 9.75 22.38
CA VAL A 224 13.91 9.37 23.80
C VAL A 224 12.96 10.18 24.69
N GLY A 225 12.45 9.53 25.73
CA GLY A 225 11.53 10.17 26.66
C GLY A 225 10.07 10.04 26.26
N LEU A 226 9.81 9.70 25.00
CA LEU A 226 8.42 9.63 24.48
C LEU A 226 7.58 10.85 24.91
N PRO A 227 8.03 12.05 24.55
CA PRO A 227 7.42 13.27 25.10
C PRO A 227 5.99 13.49 24.61
N ASP A 228 5.18 14.20 25.41
CA ASP A 228 3.90 14.71 24.92
C ASP A 228 4.09 15.50 23.63
N ALA A 229 3.18 15.29 22.68
CA ALA A 229 3.23 15.96 21.40
C ALA A 229 2.53 17.32 21.45
N PRO A 230 2.94 18.26 20.56
CA PRO A 230 2.25 19.54 20.55
C PRO A 230 0.76 19.35 20.23
N VAL A 231 -0.05 20.21 20.81
CA VAL A 231 -1.50 20.19 20.57
C VAL A 231 -1.80 20.89 19.25
N VAL A 232 -1.80 20.11 18.17
CA VAL A 232 -2.02 20.63 16.83
C VAL A 232 -3.51 20.50 16.45
N ASP A 233 -4.19 19.57 17.11
CA ASP A 233 -5.62 19.41 16.93
C ASP A 233 -6.31 19.82 18.23
N LYS A 234 -6.96 20.98 18.20
CA LYS A 234 -7.61 21.52 19.39
C LYS A 234 -8.98 20.90 19.64
N ASN A 235 -9.43 20.04 18.73
CA ASN A 235 -10.71 19.34 18.93
C ASN A 235 -10.51 17.85 19.25
N SER A 236 -9.32 17.53 19.75
CA SER A 236 -8.96 16.16 20.06
C SER A 236 -8.11 16.07 21.32
N THR A 237 -8.47 15.11 22.16
CA THR A 237 -7.77 14.75 23.38
C THR A 237 -6.34 14.26 23.06
N TRP A 238 -6.24 13.44 22.03
CA TRP A 238 -5.01 12.74 21.70
C TRP A 238 -4.37 13.37 20.47
N GLN A 239 -3.05 13.39 20.40
CA GLN A 239 -2.36 14.13 19.35
C GLN A 239 -1.42 13.21 18.56
N SER A 240 -1.23 13.52 17.29
CA SER A 240 -0.24 12.79 16.46
C SER A 240 1.13 12.71 17.13
N SER A 241 1.70 11.52 17.17
CA SER A 241 3.07 11.31 17.67
C SER A 241 4.15 11.54 16.62
N ASP A 242 3.76 11.91 15.40
CA ASP A 242 4.71 11.99 14.25
C ASP A 242 6.08 12.65 14.56
N PRO A 243 6.10 13.83 15.23
CA PRO A 243 7.43 14.45 15.46
C PRO A 243 8.40 13.53 16.21
N TYR A 244 7.86 12.60 16.99
CA TYR A 244 8.64 11.76 17.88
C TYR A 244 8.71 10.28 17.50
N THR A 245 8.01 9.88 16.44
CA THR A 245 8.00 8.48 16.02
C THR A 245 8.31 8.31 14.53
N LEU A 246 8.08 9.35 13.73
CA LEU A 246 8.26 9.25 12.28
C LEU A 246 9.65 9.72 11.91
N ASN A 247 10.40 8.88 11.18
CA ASN A 247 11.78 9.22 10.76
C ASN A 247 12.62 9.71 11.95
N GLY A 248 12.69 8.86 12.97
CA GLY A 248 13.36 9.18 14.22
C GLY A 248 14.87 9.21 14.08
N PRO A 249 15.54 9.70 15.12
CA PRO A 249 16.99 9.96 15.02
C PRO A 249 17.87 8.74 14.66
N ARG A 250 17.42 7.54 15.00
CA ARG A 250 18.19 6.33 14.70
C ARG A 250 17.67 5.53 13.48
N ILE A 251 16.80 6.15 12.68
CA ILE A 251 16.05 5.32 11.72
C ILE A 251 16.97 4.82 10.60
N HIS A 252 17.94 5.64 10.20
CA HIS A 252 18.88 5.23 9.17
C HIS A 252 19.89 4.23 9.70
N GLU A 253 20.35 4.41 10.94
CA GLU A 253 21.20 3.43 11.60
C GLU A 253 20.52 2.05 11.60
N PHE A 254 19.24 2.02 11.98
CA PHE A 254 18.49 0.78 12.03
C PHE A 254 18.37 0.14 10.63
N HIS A 255 18.03 0.94 9.62
CA HIS A 255 17.88 0.38 8.26
C HIS A 255 19.18 -0.08 7.63
N GLN A 256 20.27 0.62 7.94
CA GLN A 256 21.59 0.15 7.53
C GLN A 256 21.97 -1.18 8.19
N GLU A 257 21.67 -1.32 9.48
CA GLU A 257 22.00 -2.54 10.20
C GLU A 257 21.18 -3.69 9.62
N MET A 258 19.90 -3.45 9.34
CA MET A 258 19.03 -4.53 8.83
C MET A 258 19.46 -4.91 7.41
N ASN A 259 19.81 -3.91 6.61
CA ASN A 259 20.31 -4.17 5.25
C ASN A 259 21.57 -5.05 5.29
N GLN A 260 22.47 -4.75 6.22
CA GLN A 260 23.71 -5.55 6.35
C GLN A 260 23.40 -6.96 6.82
N PHE A 261 22.46 -7.09 7.77
CA PHE A 261 21.99 -8.42 8.17
C PHE A 261 21.50 -9.24 6.98
N ILE A 262 20.68 -8.63 6.13
CA ILE A 262 20.18 -9.31 4.94
C ILE A 262 21.32 -9.73 4.00
N ARG A 263 22.24 -8.80 3.72
CA ARG A 263 23.36 -9.08 2.81
C ARG A 263 24.19 -10.28 3.32
N ASN A 264 24.35 -10.34 4.65
CA ASN A 264 25.15 -11.38 5.28
C ASN A 264 24.43 -12.70 5.50
N ARG A 265 23.10 -12.69 5.38
CA ARG A 265 22.31 -13.88 5.65
C ARG A 265 21.93 -14.65 4.38
N VAL A 266 21.74 -13.94 3.28
CA VAL A 266 21.52 -14.57 1.98
C VAL A 266 22.64 -15.56 1.69
N LYS A 267 22.28 -16.74 1.20
CA LYS A 267 23.23 -17.83 1.07
C LYS A 267 23.67 -18.08 -0.35
N ASP A 268 22.90 -17.57 -1.32
CA ASP A 268 23.10 -17.90 -2.72
C ASP A 268 23.40 -16.68 -3.60
N GLY A 269 23.72 -15.56 -2.96
CA GLY A 269 24.12 -14.34 -3.66
C GLY A 269 22.98 -13.66 -4.43
N ARG A 270 21.74 -14.09 -4.22
CA ARG A 270 20.61 -13.47 -4.94
C ARG A 270 20.38 -12.02 -4.51
N GLU A 271 19.79 -11.22 -5.39
CA GLU A 271 19.52 -9.83 -5.11
C GLU A 271 18.14 -9.66 -4.46
N ILE A 272 18.16 -9.11 -3.25
CA ILE A 272 16.93 -8.92 -2.44
C ILE A 272 16.42 -7.48 -2.56
N MET A 273 15.12 -7.32 -2.81
CA MET A 273 14.52 -5.99 -2.88
C MET A 273 13.82 -5.71 -1.55
N THR A 274 13.97 -4.50 -1.04
CA THR A 274 13.16 -4.07 0.08
C THR A 274 12.41 -2.79 -0.35
N VAL A 275 11.10 -2.77 -0.13
CA VAL A 275 10.31 -1.58 -0.36
C VAL A 275 9.74 -1.18 0.99
N GLY A 276 10.11 0.02 1.44
CA GLY A 276 9.65 0.52 2.74
C GLY A 276 8.34 1.27 2.61
N ALA A 277 7.36 0.92 3.45
CA ALA A 277 6.14 1.72 3.54
C ALA A 277 6.40 2.88 4.51
N MET A 278 7.04 3.93 4.00
CA MET A 278 7.62 4.97 4.86
C MET A 278 6.71 6.15 5.18
N GLN A 279 5.56 6.19 4.49
CA GLN A 279 4.49 7.16 4.73
C GLN A 279 4.82 8.55 4.20
N HIS A 280 5.71 9.27 4.88
CA HIS A 280 6.08 10.62 4.45
C HIS A 280 7.51 10.88 4.80
N ALA A 281 8.21 11.63 3.94
CA ALA A 281 9.59 11.98 4.15
C ALA A 281 9.93 13.11 3.18
N SER A 282 10.78 14.04 3.60
CA SER A 282 11.29 15.06 2.67
C SER A 282 12.07 14.32 1.58
N ASP A 283 12.33 14.99 0.44
CA ASP A 283 13.15 14.38 -0.61
C ASP A 283 14.56 14.02 -0.12
N GLU A 284 15.16 14.84 0.74
CA GLU A 284 16.46 14.49 1.33
C GLU A 284 16.38 13.18 2.12
N THR A 285 15.37 13.05 2.97
CA THR A 285 15.18 11.84 3.74
C THR A 285 14.94 10.66 2.80
N LYS A 286 14.12 10.85 1.76
CA LYS A 286 13.88 9.77 0.80
C LYS A 286 15.21 9.29 0.19
N ARG A 287 16.06 10.25 -0.17
CA ARG A 287 17.35 9.91 -0.78
C ARG A 287 18.25 9.15 0.19
N LEU A 288 18.20 9.50 1.48
CA LEU A 288 18.98 8.79 2.49
C LEU A 288 18.49 7.35 2.65
N TYR A 289 17.19 7.13 2.46
CA TYR A 289 16.64 5.78 2.46
C TYR A 289 16.94 4.95 1.21
N THR A 290 16.87 5.55 0.02
CA THR A 290 16.81 4.72 -1.17
C THR A 290 18.02 4.82 -2.10
N SER A 291 18.90 5.77 -1.86
CA SER A 291 20.19 5.80 -2.59
C SER A 291 20.88 4.44 -2.48
N ALA A 292 21.24 3.83 -3.61
CA ALA A 292 21.90 2.51 -3.60
C ALA A 292 23.16 2.50 -2.71
N SER A 293 23.90 3.60 -2.73
CA SER A 293 25.16 3.67 -1.99
C SER A 293 24.95 3.82 -0.47
N ARG A 294 23.73 4.13 -0.04
CA ARG A 294 23.38 4.14 1.40
C ARG A 294 23.17 2.74 2.00
N HIS A 295 22.89 1.75 1.15
CA HIS A 295 22.62 0.38 1.61
C HIS A 295 21.53 0.36 2.71
N GLU A 296 20.41 0.99 2.39
CA GLU A 296 19.23 0.94 3.23
C GLU A 296 18.13 0.24 2.42
N LEU A 297 17.15 0.99 1.92
CA LEU A 297 16.03 0.39 1.17
C LEU A 297 16.28 0.41 -0.34
N SER A 298 15.60 -0.48 -1.07
CA SER A 298 15.65 -0.40 -2.55
C SER A 298 14.79 0.77 -3.05
N GLU A 299 13.67 1.03 -2.36
CA GLU A 299 12.66 1.98 -2.81
C GLU A 299 11.68 2.16 -1.66
N LEU A 300 10.81 3.16 -1.76
CA LEU A 300 9.78 3.37 -0.73
C LEU A 300 8.44 3.83 -1.31
N PHE A 301 7.38 3.59 -0.53
CA PHE A 301 6.06 4.14 -0.77
C PHE A 301 5.97 5.44 0.01
N ASN A 302 5.44 6.45 -0.65
CA ASN A 302 5.18 7.77 -0.04
C ASN A 302 3.71 8.05 -0.26
N PHE A 303 2.97 8.49 0.76
CA PHE A 303 1.51 8.42 0.70
C PHE A 303 0.81 9.71 0.25
N SER A 304 1.57 10.73 -0.16
CA SER A 304 0.94 12.03 -0.51
C SER A 304 -0.16 11.91 -1.54
N HIS A 305 0.01 11.02 -2.52
CA HIS A 305 -0.95 10.92 -3.62
C HIS A 305 -2.25 10.25 -3.15
N THR A 306 -2.17 9.43 -2.11
CA THR A 306 -3.39 8.78 -1.59
C THR A 306 -3.97 9.58 -0.42
N ASP A 307 -3.25 10.61 0.01
CA ASP A 307 -3.73 11.51 1.06
C ASP A 307 -4.70 12.55 0.50
N VAL A 308 -4.62 12.84 -0.80
CA VAL A 308 -5.38 14.00 -1.33
C VAL A 308 -6.88 13.86 -1.05
N GLY A 309 -7.49 14.98 -0.67
CA GLY A 309 -8.93 14.95 -0.35
C GLY A 309 -9.22 14.55 1.10
N THR A 310 -8.17 14.41 1.92
CA THR A 310 -8.34 14.13 3.34
C THR A 310 -7.58 15.16 4.19
N SER A 311 -8.15 15.50 5.34
CA SER A 311 -7.58 16.51 6.21
C SER A 311 -6.22 16.05 6.73
N PRO A 312 -5.22 16.95 6.75
CA PRO A 312 -3.94 16.52 7.31
C PRO A 312 -4.06 16.20 8.80
N LEU A 313 -5.10 16.71 9.46
CA LEU A 313 -5.31 16.45 10.89
C LEU A 313 -6.01 15.13 11.19
N PHE A 314 -6.77 14.61 10.21
CA PHE A 314 -7.58 13.40 10.42
C PHE A 314 -7.97 12.80 9.07
N ARG A 315 -7.53 11.55 8.86
CA ARG A 315 -7.78 10.80 7.62
C ARG A 315 -9.27 10.81 7.24
N TYR A 316 -10.13 10.77 8.25
CA TYR A 316 -11.57 10.57 7.99
C TYR A 316 -12.36 11.86 8.12
N ASN A 317 -11.70 12.95 7.72
CA ASN A 317 -12.40 14.19 7.40
C ASN A 317 -12.04 14.57 5.96
N LEU A 318 -13.05 14.61 5.10
CA LEU A 318 -12.85 14.93 3.69
C LEU A 318 -12.66 16.42 3.47
N VAL A 319 -11.77 16.77 2.55
CA VAL A 319 -11.55 18.16 2.13
C VAL A 319 -11.46 18.20 0.61
N PRO A 320 -11.78 19.35 0.00
CA PRO A 320 -11.66 19.50 -1.45
C PRO A 320 -10.24 19.34 -1.96
N PHE A 321 -10.10 18.81 -3.16
CA PHE A 321 -8.80 18.82 -3.84
C PHE A 321 -9.02 19.02 -5.33
N GLU A 322 -7.98 19.45 -6.01
CA GLU A 322 -8.04 19.63 -7.45
C GLU A 322 -6.99 18.74 -8.13
N LEU A 323 -7.12 18.58 -9.44
CA LEU A 323 -6.24 17.64 -10.16
C LEU A 323 -4.77 17.96 -9.87
N LYS A 324 -4.40 19.25 -9.89
CA LYS A 324 -2.99 19.63 -9.68
C LYS A 324 -2.42 19.07 -8.36
N ASP A 325 -3.25 19.03 -7.32
CA ASP A 325 -2.80 18.51 -6.02
C ASP A 325 -2.34 17.04 -6.14
N TRP A 326 -3.11 16.26 -6.90
CA TRP A 326 -2.82 14.85 -7.09
C TRP A 326 -1.62 14.69 -8.03
N LYS A 327 -1.56 15.50 -9.08
CA LYS A 327 -0.39 15.44 -9.98
C LYS A 327 0.91 15.64 -9.19
N ILE A 328 0.97 16.69 -8.38
CA ILE A 328 2.17 17.03 -7.61
C ILE A 328 2.48 15.92 -6.60
N ALA A 329 1.44 15.41 -5.95
CA ALA A 329 1.59 14.34 -4.96
C ALA A 329 2.12 13.03 -5.58
N LEU A 330 1.60 12.69 -6.75
CA LEU A 330 2.12 11.55 -7.52
C LEU A 330 3.59 11.77 -7.88
N ALA A 331 3.92 12.96 -8.34
CA ALA A 331 5.30 13.26 -8.75
C ALA A 331 6.26 13.17 -7.58
N GLU A 332 5.77 13.36 -6.36
CA GLU A 332 6.62 13.18 -5.18
C GLU A 332 7.23 11.76 -5.08
N LEU A 333 6.60 10.76 -5.68
CA LEU A 333 7.13 9.40 -5.67
C LEU A 333 8.44 9.29 -6.40
N PHE A 334 8.59 10.05 -7.48
CA PHE A 334 9.67 9.78 -8.45
C PHE A 334 10.57 10.93 -8.88
N ARG A 335 10.14 12.19 -8.74
CA ARG A 335 11.00 13.27 -9.22
C ARG A 335 12.35 13.35 -8.50
N TYR A 336 12.36 13.01 -7.21
CA TYR A 336 13.58 13.10 -6.41
C TYR A 336 14.73 12.16 -6.88
N ILE A 337 14.41 11.13 -7.66
CA ILE A 337 15.43 10.15 -8.07
C ILE A 337 16.18 10.63 -9.31
N ASN A 338 15.70 11.71 -9.92
CA ASN A 338 16.31 12.16 -11.17
C ASN A 338 17.80 12.47 -10.98
N GLY A 339 18.64 11.82 -11.77
CA GLY A 339 20.10 11.99 -11.69
C GLY A 339 20.73 11.48 -10.41
N THR A 340 20.13 10.46 -9.79
CA THR A 340 20.66 9.86 -8.55
C THR A 340 20.76 8.35 -8.70
N ASP A 341 21.25 7.68 -7.66
CA ASP A 341 21.21 6.23 -7.64
C ASP A 341 20.05 5.71 -6.76
N CYS A 342 18.99 6.50 -6.67
CA CYS A 342 17.78 6.15 -5.94
C CYS A 342 16.78 5.44 -6.84
N TRP A 343 15.68 4.95 -6.26
CA TRP A 343 14.64 4.33 -7.09
C TRP A 343 13.28 4.57 -6.44
N SER A 344 12.23 4.57 -7.27
CA SER A 344 10.88 4.99 -6.89
C SER A 344 9.88 3.83 -7.01
N THR A 345 8.69 4.04 -6.44
CA THR A 345 7.55 3.15 -6.63
C THR A 345 6.40 3.94 -7.31
N ILE A 346 5.48 3.20 -7.92
CA ILE A 346 4.31 3.76 -8.58
C ILE A 346 3.15 2.87 -8.24
N TYR A 347 2.10 3.42 -7.61
CA TYR A 347 0.91 2.63 -7.28
C TYR A 347 -0.23 3.61 -6.96
N LEU A 348 -1.47 3.13 -7.07
CA LEU A 348 -2.65 3.90 -6.61
C LEU A 348 -3.49 3.15 -5.59
N GLU A 349 -3.29 1.83 -5.48
CA GLU A 349 -4.08 0.98 -4.60
C GLU A 349 -3.20 0.03 -3.77
N ASN A 350 -3.72 -0.32 -2.60
CA ASN A 350 -3.17 -1.37 -1.75
C ASN A 350 -4.26 -1.74 -0.75
N HIS A 351 -3.94 -2.61 0.21
CA HIS A 351 -4.92 -3.14 1.15
C HIS A 351 -5.42 -2.08 2.15
N ASP A 352 -4.82 -0.88 2.14
CA ASP A 352 -5.22 0.22 3.03
C ASP A 352 -5.99 1.34 2.31
N GLN A 353 -6.19 1.20 1.02
CA GLN A 353 -6.73 2.29 0.19
C GLN A 353 -8.06 1.97 -0.45
N PRO A 354 -8.93 2.99 -0.60
CA PRO A 354 -10.12 2.80 -1.44
C PRO A 354 -9.71 2.66 -2.91
N ARG A 355 -10.70 2.34 -3.74
CA ARG A 355 -10.45 2.06 -5.15
C ARG A 355 -10.16 3.31 -5.96
N SER A 356 -9.16 3.18 -6.84
CA SER A 356 -8.65 4.31 -7.61
C SER A 356 -9.68 4.89 -8.57
N ILE A 357 -10.54 4.05 -9.17
CA ILE A 357 -11.58 4.61 -10.04
C ILE A 357 -12.49 5.53 -9.25
N THR A 358 -12.91 5.09 -8.07
CA THR A 358 -13.81 5.91 -7.27
C THR A 358 -13.14 7.23 -6.87
N ARG A 359 -11.90 7.12 -6.43
CA ARG A 359 -11.14 8.29 -5.95
C ARG A 359 -10.71 9.28 -7.02
N PHE A 360 -10.24 8.77 -8.16
CA PHE A 360 -9.51 9.61 -9.13
C PHE A 360 -10.07 9.54 -10.55
N GLY A 361 -11.01 8.63 -10.77
CA GLY A 361 -11.71 8.54 -12.06
C GLY A 361 -13.18 8.85 -11.86
N ASP A 362 -14.05 8.05 -12.47
CA ASP A 362 -15.49 8.23 -12.34
C ASP A 362 -16.09 6.86 -12.31
N ASP A 363 -16.61 6.46 -11.15
CA ASP A 363 -17.06 5.06 -10.97
C ASP A 363 -18.50 4.80 -11.44
N SER A 364 -19.10 5.79 -12.09
CA SER A 364 -20.45 5.62 -12.64
C SER A 364 -20.50 4.45 -13.62
N PRO A 365 -21.66 3.81 -13.76
CA PRO A 365 -21.76 2.83 -14.83
C PRO A 365 -21.29 3.37 -16.21
N LYS A 366 -21.55 4.65 -16.49
CA LYS A 366 -21.18 5.22 -17.78
C LYS A 366 -19.65 5.29 -17.99
N ASN A 367 -18.94 5.69 -16.94
CA ASN A 367 -17.51 5.99 -17.08
C ASN A 367 -16.52 5.11 -16.35
N ARG A 368 -16.99 4.10 -15.60
CA ARG A 368 -16.08 3.25 -14.79
C ARG A 368 -15.05 2.49 -15.64
N VAL A 369 -15.46 2.05 -16.82
CA VAL A 369 -14.53 1.31 -17.67
C VAL A 369 -13.49 2.25 -18.26
N ILE A 370 -13.95 3.30 -18.94
CA ILE A 370 -13.00 4.19 -19.63
C ILE A 370 -12.06 4.89 -18.63
N SER A 371 -12.58 5.28 -17.46
CA SER A 371 -11.72 5.96 -16.47
C SER A 371 -10.77 4.96 -15.77
N GLY A 372 -11.21 3.70 -15.63
CA GLY A 372 -10.29 2.64 -15.18
C GLY A 372 -9.16 2.45 -16.17
N LYS A 373 -9.48 2.47 -17.46
CA LYS A 373 -8.44 2.38 -18.48
C LYS A 373 -7.50 3.58 -18.48
N LEU A 374 -8.05 4.79 -18.30
CA LEU A 374 -7.23 6.00 -18.19
C LEU A 374 -6.16 5.86 -17.09
N LEU A 375 -6.56 5.37 -15.91
CA LEU A 375 -5.62 5.21 -14.81
C LEU A 375 -4.52 4.21 -15.19
N SER A 376 -4.88 3.16 -15.91
CA SER A 376 -3.92 2.20 -16.44
C SER A 376 -2.93 2.86 -17.43
N VAL A 377 -3.43 3.73 -18.30
CA VAL A 377 -2.55 4.47 -19.22
C VAL A 377 -1.55 5.30 -18.42
N LEU A 378 -2.05 6.00 -17.40
CA LEU A 378 -1.19 6.84 -16.56
C LEU A 378 -0.08 6.01 -15.91
N LEU A 379 -0.48 4.94 -15.23
CA LEU A 379 0.45 4.14 -14.43
C LEU A 379 1.46 3.45 -15.32
N SER A 380 1.00 3.01 -16.50
CA SER A 380 1.84 2.34 -17.53
C SER A 380 3.08 3.17 -17.94
N ALA A 381 2.98 4.50 -17.83
CA ALA A 381 4.00 5.43 -18.35
C ALA A 381 4.96 6.00 -17.32
N LEU A 382 4.75 5.70 -16.04
CA LEU A 382 5.52 6.37 -15.00
C LEU A 382 6.74 5.57 -14.54
N THR A 383 7.79 6.28 -14.17
CA THR A 383 9.06 5.68 -13.74
C THR A 383 8.98 5.10 -12.33
N GLY A 384 9.51 3.89 -12.16
CA GLY A 384 9.57 3.25 -10.85
C GLY A 384 9.07 1.83 -10.90
N THR A 385 9.09 1.17 -9.75
CA THR A 385 8.53 -0.17 -9.65
C THR A 385 7.01 -0.05 -9.54
N LEU A 386 6.31 -0.65 -10.49
CA LEU A 386 4.84 -0.56 -10.53
C LEU A 386 4.19 -1.67 -9.70
N TYR A 387 3.18 -1.27 -8.92
CA TYR A 387 2.41 -2.20 -8.11
C TYR A 387 0.96 -2.14 -8.54
N VAL A 388 0.35 -3.31 -8.70
CA VAL A 388 -1.09 -3.46 -9.02
C VAL A 388 -1.68 -4.27 -7.87
N TYR A 389 -2.82 -3.81 -7.33
CA TYR A 389 -3.43 -4.43 -6.17
C TYR A 389 -4.61 -5.31 -6.62
N GLN A 390 -4.82 -6.46 -5.99
CA GLN A 390 -5.92 -7.34 -6.41
C GLN A 390 -7.24 -6.61 -6.68
N GLY A 391 -7.79 -6.79 -7.88
CA GLY A 391 -9.08 -6.17 -8.22
C GLY A 391 -8.90 -4.88 -9.02
N GLN A 392 -7.77 -4.22 -8.83
CA GLN A 392 -7.49 -3.00 -9.61
C GLN A 392 -7.53 -3.31 -11.10
N GLU A 393 -7.06 -4.51 -11.45
CA GLU A 393 -6.97 -4.87 -12.87
C GLU A 393 -8.36 -5.18 -13.44
N LEU A 394 -9.34 -5.38 -12.55
CA LEU A 394 -10.74 -5.57 -12.95
C LEU A 394 -11.53 -4.26 -13.03
N GLY A 395 -10.92 -3.16 -12.58
CA GLY A 395 -11.62 -1.88 -12.50
C GLY A 395 -12.61 -1.91 -11.33
N GLN A 396 -12.23 -2.59 -10.24
CA GLN A 396 -13.08 -2.59 -9.04
C GLN A 396 -13.30 -1.17 -8.51
N ILE A 397 -14.48 -0.96 -7.92
CA ILE A 397 -14.90 0.36 -7.43
C ILE A 397 -15.30 0.22 -5.97
N ASN A 398 -15.36 1.34 -5.25
CA ASN A 398 -15.84 1.34 -3.86
C ASN A 398 -17.21 0.65 -3.75
N PHE A 399 -17.48 0.03 -2.60
CA PHE A 399 -18.85 -0.40 -2.34
C PHE A 399 -19.71 0.83 -1.95
N LYS A 400 -21.04 0.70 -2.09
CA LYS A 400 -21.94 1.82 -1.87
C LYS A 400 -23.00 1.52 -0.80
N ASN A 401 -23.35 2.56 -0.05
CA ASN A 401 -24.51 2.52 0.86
C ASN A 401 -24.44 1.45 1.96
N TRP A 402 -23.25 1.18 2.49
CA TRP A 402 -23.09 0.24 3.60
C TRP A 402 -23.28 0.99 4.92
N PRO A 403 -24.06 0.39 5.83
CA PRO A 403 -24.15 0.94 7.20
C PRO A 403 -22.79 0.79 7.88
N VAL A 404 -22.48 1.67 8.83
CA VAL A 404 -21.18 1.60 9.53
C VAL A 404 -20.90 0.24 10.20
N GLU A 405 -21.96 -0.43 10.70
CA GLU A 405 -21.77 -1.68 11.44
C GLU A 405 -21.34 -2.86 10.54
N LYS A 406 -21.43 -2.65 9.24
CA LYS A 406 -21.06 -3.65 8.26
C LYS A 406 -19.55 -3.64 8.01
N TYR A 407 -18.88 -2.54 8.37
CA TYR A 407 -17.42 -2.48 8.15
C TYR A 407 -16.69 -3.40 9.13
N GLU A 408 -15.68 -4.11 8.66
CA GLU A 408 -14.94 -5.02 9.56
C GLU A 408 -13.76 -4.31 10.24
N ASP A 409 -13.20 -3.31 9.57
CA ASP A 409 -11.87 -2.74 9.91
C ASP A 409 -11.81 -2.21 11.33
N VAL A 410 -10.76 -2.64 12.05
CA VAL A 410 -10.41 -2.13 13.38
C VAL A 410 -10.18 -0.61 13.31
N GLU A 411 -9.68 -0.11 12.18
CA GLU A 411 -9.50 1.35 12.02
C GLU A 411 -10.85 2.08 12.04
N ILE A 412 -11.90 1.43 11.53
CA ILE A 412 -13.24 2.03 11.59
C ILE A 412 -13.78 1.92 13.02
N ARG A 413 -13.75 0.71 13.58
CA ARG A 413 -14.31 0.44 14.91
C ARG A 413 -13.69 1.33 15.98
N ASN A 414 -12.36 1.38 16.00
CA ASN A 414 -11.65 2.20 17.00
C ASN A 414 -11.85 3.70 16.85
N ASN A 415 -11.83 4.20 15.62
CA ASN A 415 -12.07 5.63 15.39
C ASN A 415 -13.51 6.00 15.75
N TYR A 416 -14.45 5.13 15.38
CA TYR A 416 -15.87 5.33 15.74
C TYR A 416 -16.01 5.46 17.27
N ASN A 417 -15.43 4.50 17.98
CA ASN A 417 -15.54 4.50 19.44
C ASN A 417 -14.84 5.71 20.08
N ALA A 418 -13.72 6.15 19.50
CA ALA A 418 -13.04 7.35 19.99
C ALA A 418 -13.90 8.61 19.82
N ILE A 419 -14.51 8.75 18.65
CA ILE A 419 -15.40 9.90 18.40
C ILE A 419 -16.62 9.86 19.33
N LYS A 420 -17.26 8.70 19.40
CA LYS A 420 -18.40 8.50 20.32
C LYS A 420 -18.04 8.96 21.73
N GLU A 421 -16.88 8.53 22.22
CA GLU A 421 -16.43 8.88 23.57
C GLU A 421 -16.15 10.39 23.71
N GLU A 422 -15.45 10.98 22.73
CA GLU A 422 -15.05 12.40 22.81
C GLU A 422 -16.11 13.41 22.42
N HIS A 423 -16.96 13.06 21.45
CA HIS A 423 -17.88 14.01 20.82
C HIS A 423 -19.34 13.56 20.84
N GLY A 424 -19.55 12.26 20.94
CA GLY A 424 -20.89 11.68 20.92
C GLY A 424 -21.20 11.02 19.59
N GLU A 425 -22.02 9.96 19.62
CA GLU A 425 -22.45 9.32 18.38
C GLU A 425 -23.26 10.26 17.50
N ASN A 426 -23.98 11.16 18.15
CA ASN A 426 -24.81 12.12 17.48
C ASN A 426 -24.13 13.49 17.49
N SER A 427 -23.02 13.61 16.76
CA SER A 427 -22.24 14.84 16.74
C SER A 427 -21.84 15.19 15.32
N GLU A 428 -21.45 16.45 15.10
CA GLU A 428 -20.96 16.87 13.79
C GLU A 428 -19.69 16.08 13.44
N GLU A 429 -18.85 15.83 14.46
CA GLU A 429 -17.63 15.04 14.28
C GLU A 429 -17.94 13.63 13.75
N MET A 430 -18.97 13.01 14.33
CA MET A 430 -19.38 11.70 13.85
C MET A 430 -19.95 11.77 12.45
N LYS A 431 -20.76 12.80 12.15
CA LYS A 431 -21.30 12.93 10.80
C LYS A 431 -20.18 13.05 9.76
N LYS A 432 -19.15 13.85 10.05
CA LYS A 432 -18.02 13.97 9.12
C LYS A 432 -17.29 12.63 8.92
N PHE A 433 -17.12 11.91 10.02
CA PHE A 433 -16.47 10.60 9.99
C PHE A 433 -17.24 9.63 9.09
N LEU A 434 -18.55 9.57 9.28
CA LEU A 434 -19.39 8.67 8.49
C LEU A 434 -19.40 9.04 7.01
N GLU A 435 -19.33 10.34 6.71
CA GLU A 435 -19.22 10.79 5.33
C GLU A 435 -17.94 10.26 4.71
N ALA A 436 -16.85 10.35 5.47
CA ALA A 436 -15.52 10.02 4.95
C ALA A 436 -15.33 8.52 4.74
N ILE A 437 -15.88 7.69 5.61
CA ILE A 437 -15.62 6.23 5.48
C ILE A 437 -16.17 5.67 4.16
N ALA A 438 -17.26 6.26 3.67
CA ALA A 438 -17.87 5.84 2.41
C ALA A 438 -16.92 6.03 1.21
N LEU A 439 -15.98 6.97 1.35
CA LEU A 439 -14.99 7.21 0.29
C LEU A 439 -13.64 6.58 0.62
N ILE A 440 -13.23 6.66 1.89
CA ILE A 440 -11.81 6.46 2.25
C ILE A 440 -11.45 5.14 2.96
N SER A 441 -12.45 4.42 3.46
CA SER A 441 -12.16 3.22 4.26
C SER A 441 -11.25 2.21 3.55
N ARG A 442 -10.35 1.62 4.34
CA ARG A 442 -9.52 0.50 3.88
C ARG A 442 -10.37 -0.68 3.42
N ASP A 443 -11.61 -0.78 3.91
CA ASP A 443 -12.44 -1.95 3.56
C ASP A 443 -12.85 -2.00 2.10
N HIS A 444 -12.81 -0.86 1.41
CA HIS A 444 -13.05 -0.82 -0.05
C HIS A 444 -12.02 -1.65 -0.84
N ALA A 445 -10.89 -1.94 -0.18
CA ALA A 445 -9.86 -2.80 -0.74
C ALA A 445 -10.01 -4.27 -0.36
N ARG A 446 -10.89 -4.58 0.60
CA ARG A 446 -10.79 -5.84 1.34
C ARG A 446 -11.93 -6.83 1.11
N THR A 447 -12.92 -6.40 0.32
CA THR A 447 -14.01 -7.32 -0.03
C THR A 447 -13.45 -8.44 -0.93
N PRO A 448 -14.00 -9.67 -0.82
CA PRO A 448 -13.43 -10.77 -1.60
C PRO A 448 -13.23 -10.49 -3.09
N MET A 449 -12.15 -11.05 -3.61
CA MET A 449 -11.81 -10.96 -5.00
C MET A 449 -12.93 -11.58 -5.85
N GLN A 450 -13.27 -10.92 -6.95
CA GLN A 450 -14.43 -11.27 -7.76
C GLN A 450 -14.04 -12.07 -9.00
N TRP A 451 -14.12 -13.40 -8.89
CA TRP A 451 -13.64 -14.32 -9.96
C TRP A 451 -14.70 -14.60 -11.00
N SER A 452 -15.96 -14.47 -10.59
CA SER A 452 -17.06 -14.80 -11.50
C SER A 452 -18.32 -14.04 -11.09
N ARG A 453 -19.39 -14.24 -11.86
CA ARG A 453 -20.70 -13.67 -11.52
C ARG A 453 -21.55 -14.63 -10.66
N GLU A 454 -20.95 -15.74 -10.21
CA GLU A 454 -21.69 -16.74 -9.46
C GLU A 454 -22.22 -16.17 -8.14
N GLU A 455 -23.51 -16.42 -7.88
CA GLU A 455 -24.15 -16.03 -6.62
C GLU A 455 -23.88 -17.05 -5.49
N PRO A 456 -23.68 -16.57 -4.25
CA PRO A 456 -23.53 -15.20 -3.78
C PRO A 456 -22.06 -14.73 -3.63
N ASN A 457 -21.11 -15.61 -3.90
CA ASN A 457 -19.71 -15.38 -3.49
C ASN A 457 -18.73 -15.11 -4.62
N ALA A 458 -19.25 -15.01 -5.84
CA ALA A 458 -18.46 -14.50 -6.99
C ALA A 458 -17.22 -15.34 -7.28
N GLY A 459 -17.31 -16.64 -7.02
CA GLY A 459 -16.20 -17.54 -7.31
C GLY A 459 -15.06 -17.45 -6.30
N PHE A 460 -15.16 -16.58 -5.31
CA PHE A 460 -14.10 -16.49 -4.26
C PHE A 460 -14.17 -17.74 -3.38
N SER A 461 -15.39 -18.20 -3.12
CA SER A 461 -15.63 -19.40 -2.35
C SER A 461 -16.81 -20.13 -3.01
N GLY A 462 -17.08 -21.34 -2.56
CA GLY A 462 -18.27 -22.09 -3.00
C GLY A 462 -19.57 -21.41 -2.59
N PRO A 463 -20.68 -21.77 -3.25
CA PRO A 463 -21.94 -21.07 -3.04
C PRO A 463 -22.52 -21.23 -1.63
N SER A 464 -22.09 -22.25 -0.88
CA SER A 464 -22.61 -22.45 0.46
C SER A 464 -21.78 -21.82 1.58
N ALA A 465 -20.57 -21.36 1.25
CA ALA A 465 -19.65 -20.74 2.20
C ALA A 465 -20.11 -19.34 2.65
N LYS A 466 -19.71 -18.96 3.85
CA LYS A 466 -19.96 -17.62 4.34
C LYS A 466 -18.62 -16.90 4.35
N PRO A 467 -18.46 -15.91 3.47
CA PRO A 467 -17.15 -15.23 3.36
C PRO A 467 -16.85 -14.46 4.66
N TRP A 468 -15.56 -14.32 4.96
CA TRP A 468 -15.15 -13.64 6.19
C TRP A 468 -15.65 -12.19 6.22
N PHE A 469 -15.79 -11.60 5.03
CA PHE A 469 -16.23 -10.21 4.85
C PHE A 469 -17.14 -10.15 3.62
N TYR A 470 -18.07 -9.20 3.62
CA TYR A 470 -19.12 -9.12 2.58
C TYR A 470 -18.57 -8.82 1.18
N LEU A 471 -19.21 -9.40 0.17
CA LEU A 471 -18.90 -9.10 -1.23
C LEU A 471 -19.43 -7.74 -1.63
N ASN A 472 -18.65 -7.02 -2.42
CA ASN A 472 -19.10 -5.82 -3.11
C ASN A 472 -20.13 -6.29 -4.16
N ASP A 473 -21.29 -5.64 -4.23
CA ASP A 473 -22.31 -5.98 -5.26
C ASP A 473 -21.84 -5.79 -6.72
N SER A 474 -20.70 -5.14 -6.93
CA SER A 474 -20.21 -4.90 -8.30
C SER A 474 -19.98 -6.16 -9.14
N PHE A 475 -19.79 -7.31 -8.50
CA PHE A 475 -19.57 -8.55 -9.26
C PHE A 475 -20.75 -8.84 -10.18
N ARG A 476 -21.95 -8.48 -9.70
CA ARG A 476 -23.18 -8.71 -10.45
C ARG A 476 -23.26 -7.83 -11.69
N GLU A 477 -22.50 -6.73 -11.69
CA GLU A 477 -22.50 -5.75 -12.78
C GLU A 477 -21.37 -6.05 -13.77
N GLY A 478 -20.74 -7.22 -13.64
CA GLY A 478 -19.75 -7.69 -14.60
C GLY A 478 -18.32 -7.41 -14.19
N ILE A 479 -18.13 -6.89 -12.98
CA ILE A 479 -16.77 -6.65 -12.48
C ILE A 479 -16.29 -7.95 -11.84
N ASN A 480 -15.77 -8.83 -12.68
CA ASN A 480 -15.34 -10.15 -12.21
C ASN A 480 -14.48 -10.79 -13.30
N VAL A 481 -13.60 -11.72 -12.93
CA VAL A 481 -12.60 -12.24 -13.88
C VAL A 481 -13.27 -12.95 -15.06
N GLU A 482 -14.23 -13.81 -14.76
CA GLU A 482 -14.89 -14.62 -15.81
C GLU A 482 -15.50 -13.73 -16.90
N ASP A 483 -16.27 -12.72 -16.48
CA ASP A 483 -16.92 -11.78 -17.42
C ASP A 483 -15.91 -10.92 -18.19
N GLU A 484 -14.87 -10.44 -17.50
CA GLU A 484 -13.89 -9.59 -18.16
C GLU A 484 -12.92 -10.30 -19.14
N ILE A 485 -12.56 -11.55 -18.85
CA ILE A 485 -11.70 -12.29 -19.78
C ILE A 485 -12.38 -12.36 -21.17
N LYS A 486 -13.65 -12.72 -21.17
CA LYS A 486 -14.44 -12.89 -22.39
C LYS A 486 -14.71 -11.58 -23.16
N ASP A 487 -14.71 -10.45 -22.44
CA ASP A 487 -15.00 -9.14 -23.03
C ASP A 487 -13.72 -8.47 -23.52
N PRO A 488 -13.52 -8.39 -24.85
CA PRO A 488 -12.29 -7.76 -25.35
C PRO A 488 -12.13 -6.29 -24.92
N ASN A 489 -13.24 -5.65 -24.57
CA ASN A 489 -13.25 -4.25 -24.17
C ASN A 489 -13.13 -4.06 -22.65
N SER A 490 -12.82 -5.13 -21.92
CA SER A 490 -12.81 -5.07 -20.44
C SER A 490 -11.60 -4.31 -19.91
N VAL A 491 -11.72 -3.86 -18.66
CA VAL A 491 -10.58 -3.25 -17.96
C VAL A 491 -9.43 -4.27 -17.79
N LEU A 492 -9.77 -5.55 -17.56
CA LEU A 492 -8.75 -6.59 -17.39
C LEU A 492 -7.93 -6.73 -18.67
N ASN A 493 -8.61 -6.84 -19.79
CA ASN A 493 -7.89 -6.98 -21.07
C ASN A 493 -7.05 -5.76 -21.43
N PHE A 494 -7.54 -4.60 -21.01
CA PHE A 494 -6.78 -3.36 -21.18
C PHE A 494 -5.49 -3.35 -20.37
N TRP A 495 -5.61 -3.70 -19.09
CA TRP A 495 -4.42 -3.82 -18.20
C TRP A 495 -3.39 -4.77 -18.78
N LYS A 496 -3.84 -5.88 -19.37
CA LYS A 496 -2.89 -6.80 -20.02
C LYS A 496 -2.12 -6.07 -21.12
N GLU A 497 -2.82 -5.29 -21.94
CA GLU A 497 -2.17 -4.50 -22.98
C GLU A 497 -1.27 -3.41 -22.43
N ALA A 498 -1.70 -2.77 -21.35
CA ALA A 498 -0.90 -1.71 -20.72
C ALA A 498 0.41 -2.26 -20.18
N LEU A 499 0.37 -3.45 -19.58
CA LEU A 499 1.61 -4.06 -19.07
C LEU A 499 2.52 -4.48 -20.24
N LYS A 500 1.90 -4.94 -21.33
CA LYS A 500 2.68 -5.29 -22.54
C LYS A 500 3.40 -4.07 -23.11
N PHE A 501 2.65 -2.97 -23.21
CA PHE A 501 3.17 -1.68 -23.68
C PHE A 501 4.32 -1.18 -22.80
N ARG A 502 4.08 -1.17 -21.49
CA ARG A 502 5.11 -0.75 -20.55
C ARG A 502 6.39 -1.56 -20.72
N LYS A 503 6.29 -2.88 -20.82
CA LYS A 503 7.48 -3.73 -20.96
C LYS A 503 8.23 -3.48 -22.29
N ALA A 504 7.45 -3.36 -23.35
CA ALA A 504 7.98 -3.15 -24.70
C ALA A 504 8.76 -1.83 -24.79
N HIS A 505 8.32 -0.84 -24.04
CA HIS A 505 8.95 0.46 -24.05
C HIS A 505 9.64 0.79 -22.73
N LYS A 506 10.15 -0.24 -22.04
CA LYS A 506 10.59 -0.10 -20.65
C LYS A 506 11.66 0.95 -20.46
N ASP A 507 12.53 1.13 -21.47
CA ASP A 507 13.58 2.14 -21.32
C ASP A 507 13.00 3.51 -20.93
N ILE A 508 11.92 3.92 -21.58
CA ILE A 508 11.36 5.25 -21.28
C ILE A 508 10.15 5.19 -20.34
N THR A 509 9.45 4.06 -20.31
CA THR A 509 8.30 3.92 -19.40
C THR A 509 8.75 3.65 -17.96
N VAL A 510 9.56 2.60 -17.76
CA VAL A 510 10.07 2.23 -16.41
C VAL A 510 11.26 3.12 -16.03
N TYR A 511 12.19 3.35 -16.97
CA TYR A 511 13.44 4.03 -16.65
C TYR A 511 13.55 5.49 -17.11
N GLY A 512 12.46 6.05 -17.63
CA GLY A 512 12.48 7.42 -18.15
C GLY A 512 12.82 8.48 -17.09
N TYR A 513 13.49 9.54 -17.54
CA TYR A 513 13.93 10.57 -16.62
C TYR A 513 13.60 11.98 -17.14
N ASP A 514 14.08 12.98 -16.42
CA ASP A 514 13.77 14.38 -16.70
C ASP A 514 12.28 14.59 -16.89
N PHE A 515 11.48 14.02 -15.99
CA PHE A 515 10.03 14.22 -16.01
C PHE A 515 9.70 15.73 -15.91
N GLU A 516 8.81 16.21 -16.78
CA GLU A 516 8.35 17.61 -16.75
C GLU A 516 6.85 17.66 -16.94
N PHE A 517 6.17 18.41 -16.07
CA PHE A 517 4.73 18.63 -16.25
C PHE A 517 4.50 19.58 -17.41
N ILE A 518 3.44 19.31 -18.17
CA ILE A 518 2.93 20.25 -19.17
C ILE A 518 1.56 20.75 -18.70
N ASP A 519 1.42 22.07 -18.57
CA ASP A 519 0.18 22.71 -18.12
C ASP A 519 -0.26 22.14 -16.74
N LEU A 520 0.65 22.24 -15.78
CA LEU A 520 0.45 21.70 -14.43
C LEU A 520 -0.84 22.16 -13.77
N ASP A 521 -1.22 23.42 -13.97
CA ASP A 521 -2.40 23.96 -13.29
C ASP A 521 -3.71 23.43 -13.85
N ASN A 522 -3.68 22.87 -15.05
CA ASN A 522 -4.93 22.40 -15.69
C ASN A 522 -5.77 21.50 -14.79
N LYS A 523 -7.06 21.83 -14.65
CA LYS A 523 -7.95 21.06 -13.79
C LYS A 523 -8.47 19.76 -14.39
N LYS A 524 -8.17 19.55 -15.66
CA LYS A 524 -8.63 18.35 -16.39
C LYS A 524 -7.47 17.55 -16.99
N LEU A 525 -6.57 18.27 -17.63
CA LEU A 525 -5.43 17.67 -18.35
C LEU A 525 -4.26 17.34 -17.43
N PHE A 526 -3.88 16.07 -17.43
CA PHE A 526 -2.69 15.60 -16.71
C PHE A 526 -1.72 15.28 -17.85
N SER A 527 -0.68 16.10 -18.01
CA SER A 527 0.22 15.96 -19.16
C SER A 527 1.65 16.12 -18.73
N PHE A 528 2.55 15.43 -19.42
CA PHE A 528 3.98 15.44 -19.07
C PHE A 528 4.85 14.87 -20.18
N THR A 529 6.14 15.17 -20.10
CA THR A 529 7.16 14.54 -20.94
C THR A 529 8.22 13.85 -20.07
N LYS A 530 8.87 12.85 -20.68
CA LYS A 530 10.01 12.19 -20.09
C LYS A 530 11.02 11.97 -21.21
N LYS A 531 12.26 11.68 -20.81
CA LYS A 531 13.34 11.44 -21.76
C LYS A 531 14.05 10.11 -21.52
N TYR A 532 14.63 9.56 -22.59
CA TYR A 532 15.59 8.49 -22.49
C TYR A 532 16.49 8.58 -23.71
N ASN A 533 17.73 9.00 -23.50
CA ASN A 533 18.65 9.32 -24.62
C ASN A 533 17.96 10.20 -25.65
N ASN A 534 17.76 9.69 -26.87
CA ASN A 534 17.18 10.44 -27.97
C ASN A 534 15.65 10.46 -27.96
N LYS A 535 15.05 9.66 -27.07
CA LYS A 535 13.60 9.45 -27.08
C LYS A 535 12.88 10.46 -26.18
N THR A 536 11.67 10.84 -26.58
CA THR A 536 10.83 11.67 -25.75
C THR A 536 9.47 10.96 -25.66
N LEU A 537 8.95 10.84 -24.44
CA LEU A 537 7.59 10.34 -24.22
C LEU A 537 6.73 11.51 -23.83
N PHE A 538 5.54 11.57 -24.39
CA PHE A 538 4.61 12.63 -24.10
C PHE A 538 3.28 11.99 -23.72
N ALA A 539 2.73 12.39 -22.57
CA ALA A 539 1.43 11.87 -22.13
C ALA A 539 0.42 13.00 -22.09
N ALA A 540 -0.78 12.72 -22.57
CA ALA A 540 -1.89 13.65 -22.45
C ALA A 540 -3.08 12.84 -21.96
N LEU A 541 -3.55 13.19 -20.76
CA LEU A 541 -4.53 12.34 -20.07
C LEU A 541 -5.66 13.23 -19.58
N ASN A 542 -6.89 12.90 -19.97
CA ASN A 542 -8.02 13.78 -19.70
C ASN A 542 -8.89 13.27 -18.54
N PHE A 543 -8.58 13.74 -17.33
CA PHE A 543 -9.34 13.36 -16.13
C PHE A 543 -10.63 14.16 -15.98
N SER A 544 -11.53 14.01 -16.95
CA SER A 544 -12.78 14.77 -17.00
C SER A 544 -13.74 14.10 -17.97
N SER A 545 -15.03 14.33 -17.73
CA SER A 545 -16.07 13.96 -18.68
C SER A 545 -16.20 14.97 -19.81
N ASP A 546 -15.44 16.07 -19.73
CA ASP A 546 -15.44 17.08 -20.82
C ASP A 546 -14.33 16.74 -21.78
N ALA A 547 -14.49 17.11 -23.06
CA ALA A 547 -13.38 17.06 -24.00
C ALA A 547 -12.38 18.15 -23.58
N THR A 548 -11.10 17.93 -23.87
CA THR A 548 -10.06 18.82 -23.34
C THR A 548 -8.94 18.91 -24.35
N ASP A 549 -8.51 20.13 -24.67
CA ASP A 549 -7.42 20.35 -25.63
C ASP A 549 -6.07 20.08 -24.98
N PHE A 550 -5.08 19.73 -25.80
CA PHE A 550 -3.69 19.63 -25.35
C PHE A 550 -2.73 20.08 -26.43
N LYS A 551 -1.48 20.37 -26.03
CA LYS A 551 -0.42 20.72 -26.97
C LYS A 551 0.80 19.88 -26.63
N ILE A 552 1.51 19.44 -27.66
CA ILE A 552 2.78 18.75 -27.50
C ILE A 552 3.91 19.78 -27.62
N PRO A 553 4.78 19.88 -26.58
CA PRO A 553 5.85 20.88 -26.68
C PRO A 553 6.85 20.44 -27.76
N ASN A 554 7.30 21.37 -28.59
CA ASN A 554 8.10 21.06 -29.79
C ASN A 554 7.41 20.04 -30.71
N ASP A 555 6.13 20.27 -30.99
CA ASP A 555 5.32 19.34 -31.76
C ASP A 555 5.86 19.19 -33.19
N ASP A 556 6.00 17.93 -33.60
CA ASP A 556 6.34 17.58 -34.98
C ASP A 556 5.72 16.24 -35.31
N SER A 557 6.02 15.76 -36.52
CA SER A 557 5.50 14.50 -37.01
C SER A 557 6.19 13.31 -36.39
N SER A 558 7.29 13.54 -35.66
CA SER A 558 8.04 12.46 -35.02
C SER A 558 7.33 11.81 -33.82
N PHE A 559 6.34 12.48 -33.25
CA PHE A 559 5.59 11.92 -32.12
C PHE A 559 4.56 10.93 -32.65
N LYS A 560 4.77 9.65 -32.36
CA LYS A 560 3.87 8.59 -32.77
C LYS A 560 3.00 8.16 -31.61
N LEU A 561 1.70 7.98 -31.86
CA LEU A 561 0.81 7.48 -30.81
C LEU A 561 1.10 6.01 -30.54
N GLU A 562 1.56 5.69 -29.33
CA GLU A 562 1.95 4.32 -29.01
C GLU A 562 0.98 3.57 -28.09
N PHE A 563 0.19 4.32 -27.32
CA PHE A 563 -0.77 3.69 -26.40
C PHE A 563 -1.88 4.69 -26.05
N GLY A 564 -3.09 4.17 -25.80
CA GLY A 564 -4.21 4.99 -25.34
C GLY A 564 -5.40 4.10 -25.03
N ASN A 565 -6.46 4.70 -24.48
CA ASN A 565 -7.59 3.91 -24.04
C ASN A 565 -8.82 3.96 -24.96
N TYR A 566 -8.87 4.89 -25.91
CA TYR A 566 -9.98 4.89 -26.89
C TYR A 566 -9.70 3.84 -27.97
N PRO A 567 -10.75 3.37 -28.67
CA PRO A 567 -10.59 2.29 -29.65
C PRO A 567 -9.55 2.64 -30.69
N LYS A 568 -8.60 1.72 -30.86
CA LYS A 568 -7.41 1.89 -31.69
C LYS A 568 -7.71 2.45 -33.08
N LYS A 569 -8.74 1.90 -33.73
CA LYS A 569 -9.03 2.22 -35.12
C LYS A 569 -9.77 3.54 -35.29
N GLU A 570 -10.21 4.10 -34.17
CA GLU A 570 -11.08 5.25 -34.16
C GLU A 570 -10.34 6.53 -33.69
N VAL A 571 -9.12 6.38 -33.18
CA VAL A 571 -8.33 7.53 -32.71
C VAL A 571 -7.54 8.21 -33.84
N ASP A 572 -7.68 9.53 -33.93
CA ASP A 572 -6.90 10.35 -34.85
C ASP A 572 -5.68 10.91 -34.10
N ALA A 573 -4.51 10.31 -34.34
CA ALA A 573 -3.28 10.69 -33.62
C ALA A 573 -2.90 12.17 -33.81
N SER A 574 -3.29 12.73 -34.95
CA SER A 574 -2.99 14.13 -35.25
C SER A 574 -3.89 15.14 -34.51
N SER A 575 -5.03 14.67 -33.97
CA SER A 575 -5.94 15.56 -33.26
C SER A 575 -5.35 16.05 -31.93
N ARG A 576 -5.72 17.26 -31.53
CA ARG A 576 -5.21 17.88 -30.31
C ARG A 576 -6.31 18.19 -29.29
N THR A 577 -7.36 17.38 -29.36
CA THR A 577 -8.40 17.37 -28.34
C THR A 577 -8.62 15.93 -27.91
N LEU A 578 -8.66 15.72 -26.61
CA LEU A 578 -8.94 14.41 -26.00
C LEU A 578 -10.42 14.30 -25.77
N LYS A 579 -10.97 13.15 -26.11
CA LYS A 579 -12.35 12.83 -25.74
C LYS A 579 -12.47 12.63 -24.22
N PRO A 580 -13.71 12.53 -23.71
CA PRO A 580 -13.95 12.36 -22.27
C PRO A 580 -13.17 11.15 -21.76
N TRP A 581 -12.40 11.35 -20.69
CA TRP A 581 -11.59 10.30 -20.05
C TRP A 581 -10.56 9.66 -20.99
N GLU A 582 -10.23 10.32 -22.09
CA GLU A 582 -9.25 9.76 -23.03
C GLU A 582 -7.80 10.02 -22.58
N GLY A 583 -6.98 8.99 -22.70
CA GLY A 583 -5.54 9.14 -22.49
C GLY A 583 -4.74 8.67 -23.68
N ARG A 584 -3.61 9.33 -23.92
CA ARG A 584 -2.72 8.99 -25.03
C ARG A 584 -1.28 9.12 -24.59
N ILE A 585 -0.47 8.14 -24.98
CA ILE A 585 0.98 8.21 -24.84
C ILE A 585 1.59 8.27 -26.22
N TYR A 586 2.36 9.32 -26.49
CA TYR A 586 3.10 9.44 -27.76
C TYR A 586 4.57 9.23 -27.44
N ILE A 587 5.34 8.61 -28.36
CA ILE A 587 6.78 8.56 -28.19
C ILE A 587 7.42 9.07 -29.47
N SER A 588 8.39 9.97 -29.31
CA SER A 588 9.20 10.44 -30.42
C SER A 588 10.61 9.89 -30.26
N GLU A 589 11.18 9.38 -31.34
CA GLU A 589 12.55 8.93 -31.24
C GLU A 589 13.50 9.63 -32.23
#